data_2B2I
#
_entry.id   2B2I
#
_cell.length_a   111.490
_cell.length_b   111.490
_cell.length_c   136.350
_cell.angle_alpha   90.00
_cell.angle_beta   90.00
_cell.angle_gamma   120.00
#
_symmetry.space_group_name_H-M   'H 3'
#
loop_
_entity.id
_entity.type
_entity.pdbx_description
1 polymer 'ammonium transporter'
2 water water
#
_entity_poly.entity_id   1
_entity_poly.type   'polypeptide(L)'
_entity_poly.pdbx_seq_one_letter_code
;MSDGNVAWILASTALVMLMVPGVGFFYAGMVRRKNAVNMIALSFISLIITVLLWIFYGYSVSFGNDISGIIGGLNYALLS
GVKGEDLLFMMYQMMFAAVTIAILTSAIAERAKVSSFILLSALWLTFVYAPFAHWLWGGGWLAKLGALDFAGGMVVHISS
GFAALAVAMTIGKRAGFEEYSIEPHSIPLTLIGAALLWFGWFGFNGGSALAANDVAINAVVVTNTSAAVAGFVWMVIGWI
KGKPGSLGIVSGAIAGLAAITPAAGFVDVKGAIVIGLVAGIVCYLAMDFRIKKKIDESLDAWAIHGIGGLWGSVAVGILA
NPEVNGYAGLLFGNPQLLVSQLIAVASTTAYAFLVTLILAKAVDAAVGLRVSSQEEYVGLDLSQHEEVAYTLEHHHHHH
;
_entity_poly.pdbx_strand_id   A
#
# COMPACT_ATOMS: atom_id res chain seq x y z
N MET A 1 18.85 24.29 7.14
CA MET A 1 18.46 22.96 6.58
C MET A 1 17.63 23.14 5.32
N SER A 2 17.58 24.37 4.82
CA SER A 2 16.78 24.68 3.66
C SER A 2 15.38 24.58 4.23
N ASP A 3 14.82 25.74 4.55
CA ASP A 3 13.48 25.79 5.08
C ASP A 3 12.55 25.26 4.01
N GLY A 4 12.93 25.48 2.76
CA GLY A 4 12.11 25.02 1.66
C GLY A 4 11.93 23.52 1.72
N ASN A 5 13.04 22.80 1.90
CA ASN A 5 12.99 21.36 1.97
C ASN A 5 12.19 20.88 3.17
N VAL A 6 12.40 21.51 4.33
CA VAL A 6 11.62 21.11 5.49
C VAL A 6 10.15 21.39 5.22
N ALA A 7 9.86 22.55 4.65
CA ALA A 7 8.50 22.94 4.32
C ALA A 7 7.83 21.84 3.53
N TRP A 8 8.49 21.43 2.45
CA TRP A 8 7.93 20.42 1.59
C TRP A 8 7.70 19.08 2.26
N ILE A 9 8.63 18.66 3.11
CA ILE A 9 8.43 17.36 3.76
C ILE A 9 7.41 17.42 4.89
N LEU A 10 7.28 18.58 5.51
CA LEU A 10 6.28 18.74 6.57
C LEU A 10 4.94 18.58 5.89
N ALA A 11 4.80 19.25 4.76
CA ALA A 11 3.57 19.18 4.00
C ALA A 11 3.33 17.78 3.49
N SER A 12 4.35 17.17 2.88
CA SER A 12 4.18 15.83 2.37
C SER A 12 3.78 14.87 3.48
N THR A 13 4.26 15.10 4.70
CA THR A 13 3.89 14.24 5.82
C THR A 13 2.39 14.33 6.13
N ALA A 14 1.88 15.56 6.13
CA ALA A 14 0.46 15.79 6.39
C ALA A 14 -0.34 15.10 5.30
N LEU A 15 0.13 15.20 4.06
CA LEU A 15 -0.55 14.57 2.93
C LEU A 15 -0.66 13.06 3.05
N VAL A 16 0.43 12.41 3.45
CA VAL A 16 0.39 10.97 3.57
C VAL A 16 -0.51 10.54 4.73
N MET A 17 -0.54 11.34 5.80
CA MET A 17 -1.39 11.03 6.95
C MET A 17 -2.84 10.98 6.48
N LEU A 18 -3.20 11.96 5.64
CA LEU A 18 -4.57 12.02 5.15
C LEU A 18 -4.96 10.79 4.36
N MET A 19 -3.98 10.17 3.72
CA MET A 19 -4.25 8.99 2.93
C MET A 19 -4.74 7.82 3.80
N VAL A 20 -4.45 7.84 5.10
CA VAL A 20 -4.88 6.73 5.96
C VAL A 20 -6.41 6.69 6.03
N PRO A 21 -7.04 7.79 6.52
CA PRO A 21 -8.51 7.69 6.54
C PRO A 21 -9.01 7.69 5.10
N GLY A 22 -8.24 8.29 4.21
CA GLY A 22 -8.63 8.28 2.81
C GLY A 22 -8.87 6.85 2.39
N VAL A 23 -7.98 5.94 2.79
CA VAL A 23 -8.14 4.54 2.45
C VAL A 23 -9.43 4.05 3.08
N GLY A 24 -9.68 4.43 4.33
CA GLY A 24 -10.89 4.01 5.02
C GLY A 24 -12.19 4.38 4.30
N PHE A 25 -12.24 5.59 3.74
CA PHE A 25 -13.43 6.07 3.02
C PHE A 25 -13.56 5.34 1.70
N PHE A 26 -12.42 5.18 1.03
CA PHE A 26 -12.34 4.49 -0.25
C PHE A 26 -12.96 3.10 -0.09
N TYR A 27 -12.52 2.37 0.94
CA TYR A 27 -13.05 1.02 1.19
C TYR A 27 -14.49 1.02 1.73
N ALA A 28 -14.77 1.91 2.69
CA ALA A 28 -16.09 1.98 3.31
C ALA A 28 -17.24 2.09 2.31
N GLY A 29 -17.06 2.87 1.26
CA GLY A 29 -18.12 3.02 0.28
C GLY A 29 -18.44 1.76 -0.47
N MET A 30 -17.49 0.84 -0.55
CA MET A 30 -17.71 -0.39 -1.30
C MET A 30 -18.30 -1.53 -0.46
N VAL A 31 -18.41 -1.34 0.86
CA VAL A 31 -18.99 -2.39 1.69
C VAL A 31 -20.45 -2.03 1.98
N ARG A 32 -21.13 -2.93 2.67
CA ARG A 32 -22.53 -2.72 3.01
C ARG A 32 -22.70 -1.71 4.12
N ARG A 33 -23.85 -1.06 4.11
CA ARG A 33 -24.17 -0.04 5.08
C ARG A 33 -23.91 -0.50 6.50
N LYS A 34 -24.20 -1.76 6.80
CA LYS A 34 -24.01 -2.30 8.16
C LYS A 34 -22.55 -2.44 8.59
N ASN A 35 -21.62 -2.20 7.65
CA ASN A 35 -20.18 -2.32 7.92
C ASN A 35 -19.38 -1.06 7.58
N ALA A 36 -20.08 0.01 7.24
CA ALA A 36 -19.44 1.26 6.88
C ALA A 36 -18.55 1.82 7.98
N VAL A 37 -19.09 1.94 9.20
CA VAL A 37 -18.30 2.46 10.32
C VAL A 37 -17.04 1.61 10.58
N ASN A 38 -17.21 0.29 10.57
CA ASN A 38 -16.11 -0.62 10.81
C ASN A 38 -14.97 -0.39 9.83
N MET A 39 -15.31 -0.34 8.55
CA MET A 39 -14.30 -0.15 7.51
C MET A 39 -13.51 1.14 7.68
N ILE A 40 -14.19 2.21 8.10
CA ILE A 40 -13.50 3.47 8.30
C ILE A 40 -12.73 3.42 9.60
N ALA A 41 -13.39 2.92 10.64
CA ALA A 41 -12.77 2.82 11.95
C ALA A 41 -11.43 2.09 11.85
N LEU A 42 -11.37 1.03 11.04
CA LEU A 42 -10.15 0.26 10.87
C LEU A 42 -8.98 1.12 10.40
N SER A 43 -9.24 2.07 9.52
CA SER A 43 -8.17 2.92 9.02
C SER A 43 -7.67 3.85 10.13
N PHE A 44 -8.58 4.32 10.99
CA PHE A 44 -8.15 5.19 12.08
C PHE A 44 -7.34 4.39 13.10
N ILE A 45 -7.82 3.19 13.42
CA ILE A 45 -7.11 2.32 14.36
C ILE A 45 -5.71 2.04 13.81
N SER A 46 -5.64 1.75 12.50
CA SER A 46 -4.36 1.49 11.85
C SER A 46 -3.40 2.64 12.12
N LEU A 47 -3.92 3.85 12.00
CA LEU A 47 -3.10 5.03 12.23
C LEU A 47 -2.63 5.05 13.69
N ILE A 48 -3.59 5.03 14.61
CA ILE A 48 -3.29 5.06 16.04
C ILE A 48 -2.28 4.00 16.45
N ILE A 49 -2.56 2.77 16.08
CA ILE A 49 -1.68 1.66 16.41
C ILE A 49 -0.29 1.90 15.80
N THR A 50 -0.25 2.24 14.52
CA THR A 50 1.02 2.46 13.85
C THR A 50 1.89 3.51 14.53
N VAL A 51 1.29 4.65 14.84
CA VAL A 51 2.03 5.72 15.50
C VAL A 51 2.68 5.24 16.79
N LEU A 52 1.92 4.52 17.60
CA LEU A 52 2.45 4.03 18.87
C LEU A 52 3.61 3.04 18.69
N LEU A 53 3.38 1.99 17.91
CA LEU A 53 4.43 1.00 17.68
C LEU A 53 5.66 1.60 17.00
N TRP A 54 5.44 2.52 16.07
CA TRP A 54 6.54 3.14 15.35
C TRP A 54 7.48 3.87 16.31
N ILE A 55 6.88 4.62 17.23
CA ILE A 55 7.62 5.37 18.24
C ILE A 55 8.31 4.42 19.19
N PHE A 56 7.54 3.47 19.71
CA PHE A 56 8.03 2.47 20.66
C PHE A 56 9.28 1.79 20.13
N TYR A 57 9.19 1.16 18.96
CA TYR A 57 10.35 0.47 18.41
C TYR A 57 10.33 0.31 16.89
N GLY A 58 9.15 0.49 16.29
CA GLY A 58 9.02 0.34 14.86
C GLY A 58 10.06 1.11 14.06
N TYR A 59 10.23 2.38 14.38
CA TYR A 59 11.20 3.19 13.65
C TYR A 59 12.61 2.65 13.78
N SER A 60 12.99 2.30 15.00
CA SER A 60 14.31 1.76 15.31
C SER A 60 14.55 0.48 14.54
N VAL A 61 13.58 -0.42 14.58
CA VAL A 61 13.70 -1.68 13.88
C VAL A 61 13.82 -1.53 12.36
N SER A 62 13.26 -0.44 11.83
CA SER A 62 13.32 -0.18 10.40
C SER A 62 14.59 0.55 9.99
N PHE A 63 14.95 1.58 10.74
CA PHE A 63 16.12 2.36 10.39
C PHE A 63 17.25 2.45 11.42
N GLY A 64 17.26 1.55 12.39
CA GLY A 64 18.32 1.58 13.38
C GLY A 64 19.54 0.78 12.92
N ASN A 65 20.53 0.63 13.81
CA ASN A 65 21.74 -0.14 13.51
C ASN A 65 21.41 -1.44 12.79
N ASP A 66 22.09 -1.71 11.68
CA ASP A 66 21.84 -2.92 10.93
C ASP A 66 22.44 -4.19 11.52
N ILE A 67 21.65 -5.24 11.55
CA ILE A 67 22.12 -6.52 12.06
C ILE A 67 21.91 -7.56 10.98
N SER A 68 23.02 -8.03 10.42
CA SER A 68 23.04 -9.03 9.35
C SER A 68 22.24 -8.60 8.13
N GLY A 69 22.12 -7.29 7.93
CA GLY A 69 21.40 -6.76 6.79
C GLY A 69 19.91 -7.05 6.72
N ILE A 70 19.36 -7.78 7.68
CA ILE A 70 17.93 -8.10 7.63
C ILE A 70 17.06 -7.23 8.53
N ILE A 71 17.62 -6.68 9.58
CA ILE A 71 16.82 -5.83 10.46
C ILE A 71 17.66 -4.84 11.24
N GLY A 72 17.01 -3.85 11.85
CA GLY A 72 17.72 -2.85 12.63
C GLY A 72 17.62 -3.10 14.13
N GLY A 73 18.56 -2.53 14.87
CA GLY A 73 18.53 -2.70 16.32
C GLY A 73 17.53 -1.81 17.02
N LEU A 74 17.64 -1.73 18.34
CA LEU A 74 16.72 -0.92 19.14
C LEU A 74 17.34 0.39 19.61
N ASN A 75 18.36 0.89 18.90
CA ASN A 75 19.02 2.13 19.30
C ASN A 75 18.14 3.37 19.22
N TYR A 76 17.07 3.29 18.43
CA TYR A 76 16.14 4.42 18.25
C TYR A 76 14.80 4.15 18.93
N ALA A 77 14.76 3.15 19.80
CA ALA A 77 13.55 2.83 20.51
C ALA A 77 13.12 4.08 21.26
N LEU A 78 11.83 4.37 21.25
CA LEU A 78 11.29 5.55 21.92
C LEU A 78 12.02 6.81 21.42
N LEU A 79 12.47 6.74 20.19
CA LEU A 79 13.16 7.86 19.53
C LEU A 79 14.42 8.33 20.25
N SER A 80 15.02 7.44 21.01
CA SER A 80 16.25 7.76 21.71
C SER A 80 17.31 8.09 20.65
N GLY A 81 17.89 9.28 20.73
CA GLY A 81 18.92 9.65 19.77
C GLY A 81 18.46 10.17 18.42
N VAL A 82 17.14 10.27 18.24
CA VAL A 82 16.59 10.77 16.97
C VAL A 82 16.37 12.28 17.11
N LYS A 83 17.13 13.08 16.37
CA LYS A 83 17.01 14.53 16.46
C LYS A 83 17.02 15.24 15.11
N GLY A 84 16.66 16.53 15.12
CA GLY A 84 16.66 17.31 13.90
C GLY A 84 15.86 16.71 12.77
N GLU A 85 16.44 16.67 11.57
CA GLU A 85 15.71 16.14 10.44
C GLU A 85 15.56 14.62 10.41
N ASP A 86 16.19 13.92 11.34
CA ASP A 86 16.01 12.48 11.39
C ASP A 86 14.61 12.31 11.94
N LEU A 87 14.21 13.26 12.78
CA LEU A 87 12.88 13.25 13.38
C LEU A 87 11.82 13.48 12.29
N LEU A 88 12.13 14.31 11.31
CA LEU A 88 11.18 14.55 10.24
C LEU A 88 11.10 13.31 9.37
N PHE A 89 12.23 12.65 9.16
CA PHE A 89 12.26 11.43 8.37
C PHE A 89 11.42 10.38 9.08
N MET A 90 11.65 10.25 10.37
CA MET A 90 10.91 9.29 11.19
C MET A 90 9.40 9.47 11.01
N MET A 91 8.92 10.70 11.24
CA MET A 91 7.50 11.06 11.14
C MET A 91 6.94 10.81 9.75
N TYR A 92 7.70 11.18 8.72
CA TYR A 92 7.26 10.97 7.34
C TYR A 92 7.10 9.47 7.11
N GLN A 93 8.13 8.71 7.48
CA GLN A 93 8.12 7.26 7.33
C GLN A 93 7.00 6.59 8.11
N MET A 94 6.72 7.12 9.31
CA MET A 94 5.67 6.57 10.16
C MET A 94 4.36 6.50 9.39
N MET A 95 4.10 7.54 8.59
CA MET A 95 2.86 7.62 7.82
C MET A 95 2.78 6.59 6.70
N PHE A 96 3.94 6.18 6.17
CA PHE A 96 3.96 5.16 5.11
C PHE A 96 3.51 3.83 5.68
N ALA A 97 3.90 3.57 6.92
CA ALA A 97 3.56 2.35 7.61
C ALA A 97 2.07 2.30 7.87
N ALA A 98 1.51 3.44 8.28
CA ALA A 98 0.08 3.54 8.57
C ALA A 98 -0.80 3.29 7.34
N VAL A 99 -0.40 3.87 6.20
CA VAL A 99 -1.17 3.68 4.99
C VAL A 99 -1.13 2.22 4.56
N THR A 100 0.03 1.59 4.70
CA THR A 100 0.20 0.19 4.32
C THR A 100 -0.78 -0.72 5.07
N ILE A 101 -0.83 -0.55 6.38
CA ILE A 101 -1.72 -1.32 7.25
C ILE A 101 -3.19 -1.07 6.87
N ALA A 102 -3.52 0.16 6.49
CA ALA A 102 -4.89 0.48 6.10
C ALA A 102 -5.25 -0.22 4.81
N ILE A 103 -4.32 -0.24 3.85
CA ILE A 103 -4.57 -0.89 2.55
C ILE A 103 -4.90 -2.35 2.76
N LEU A 104 -4.16 -2.95 3.69
CA LEU A 104 -4.29 -4.35 4.06
C LEU A 104 -5.71 -4.71 4.56
N THR A 105 -6.41 -3.75 5.16
CA THR A 105 -7.75 -4.00 5.67
C THR A 105 -8.71 -4.48 4.58
N SER A 106 -8.24 -4.44 3.34
CA SER A 106 -9.04 -4.90 2.22
C SER A 106 -9.40 -6.38 2.36
N ALA A 107 -8.45 -7.18 2.83
CA ALA A 107 -8.66 -8.62 2.98
C ALA A 107 -9.60 -9.09 4.09
N ILE A 108 -9.92 -8.20 5.02
CA ILE A 108 -10.79 -8.56 6.14
C ILE A 108 -12.11 -7.81 6.14
N ALA A 109 -12.47 -7.24 5.00
CA ALA A 109 -13.71 -6.50 4.92
C ALA A 109 -14.96 -7.26 5.37
N GLU A 110 -15.72 -6.64 6.28
CA GLU A 110 -16.97 -7.18 6.75
C GLU A 110 -17.00 -8.44 7.61
N ARG A 111 -15.86 -8.94 8.06
CA ARG A 111 -15.94 -10.14 8.88
C ARG A 111 -14.80 -10.42 9.84
N ALA A 112 -14.10 -9.38 10.29
CA ALA A 112 -12.99 -9.60 11.21
C ALA A 112 -13.20 -9.01 12.60
N LYS A 113 -12.52 -9.59 13.58
CA LYS A 113 -12.60 -9.11 14.95
C LYS A 113 -11.58 -7.97 15.07
N VAL A 114 -12.03 -6.79 15.48
CA VAL A 114 -11.13 -5.65 15.61
C VAL A 114 -9.93 -5.99 16.48
N SER A 115 -10.19 -6.59 17.65
CA SER A 115 -9.10 -6.96 18.55
C SER A 115 -8.05 -7.79 17.81
N SER A 116 -8.53 -8.73 17.00
CA SER A 116 -7.65 -9.59 16.24
C SER A 116 -6.87 -8.85 15.15
N PHE A 117 -7.52 -7.88 14.50
CA PHE A 117 -6.84 -7.08 13.46
C PHE A 117 -5.70 -6.32 14.08
N ILE A 118 -5.93 -5.80 15.29
CA ILE A 118 -4.89 -5.06 15.99
C ILE A 118 -3.69 -5.95 16.25
N LEU A 119 -3.94 -7.13 16.83
CA LEU A 119 -2.86 -8.06 17.15
C LEU A 119 -2.05 -8.41 15.91
N LEU A 120 -2.75 -8.77 14.84
CA LEU A 120 -2.12 -9.13 13.59
C LEU A 120 -1.37 -7.95 12.97
N SER A 121 -1.96 -6.76 13.05
CA SER A 121 -1.32 -5.58 12.49
C SER A 121 -0.02 -5.31 13.21
N ALA A 122 -0.04 -5.44 14.53
CA ALA A 122 1.14 -5.19 15.34
C ALA A 122 2.24 -6.17 14.95
N LEU A 123 1.86 -7.43 14.76
CA LEU A 123 2.81 -8.47 14.37
C LEU A 123 3.32 -8.29 12.94
N TRP A 124 2.42 -7.91 12.05
CA TRP A 124 2.78 -7.72 10.64
C TRP A 124 3.76 -6.56 10.52
N LEU A 125 3.44 -5.48 11.21
CA LEU A 125 4.27 -4.30 11.21
C LEU A 125 5.66 -4.73 11.67
N THR A 126 5.69 -5.50 12.76
CA THR A 126 6.95 -5.97 13.33
C THR A 126 7.72 -6.95 12.46
N PHE A 127 7.05 -7.98 11.96
CA PHE A 127 7.73 -9.00 11.18
C PHE A 127 7.72 -8.94 9.67
N VAL A 128 6.99 -8.00 9.08
CA VAL A 128 6.99 -7.88 7.63
C VAL A 128 7.35 -6.46 7.19
N TYR A 129 6.60 -5.46 7.64
CA TYR A 129 6.90 -4.11 7.21
C TYR A 129 8.26 -3.57 7.63
N ALA A 130 8.54 -3.54 8.94
CA ALA A 130 9.82 -3.03 9.41
C ALA A 130 10.97 -3.69 8.65
N PRO A 131 10.95 -5.03 8.50
CA PRO A 131 12.04 -5.68 7.77
C PRO A 131 12.22 -5.13 6.35
N PHE A 132 11.11 -5.03 5.60
CA PHE A 132 11.16 -4.52 4.23
C PHE A 132 11.78 -3.13 4.17
N ALA A 133 11.26 -2.22 4.99
CA ALA A 133 11.77 -0.86 5.03
C ALA A 133 13.28 -0.90 5.23
N HIS A 134 13.72 -1.76 6.13
CA HIS A 134 15.15 -1.87 6.42
C HIS A 134 15.95 -2.42 5.24
N TRP A 135 15.42 -3.45 4.58
CA TRP A 135 16.12 -4.06 3.45
C TRP A 135 16.39 -3.06 2.35
N LEU A 136 15.36 -2.31 1.98
CA LEU A 136 15.46 -1.34 0.91
C LEU A 136 15.90 0.06 1.28
N TRP A 137 15.33 0.60 2.35
CA TRP A 137 15.66 1.95 2.75
C TRP A 137 16.50 2.10 4.00
N GLY A 138 16.71 1.01 4.73
CA GLY A 138 17.50 1.11 5.94
C GLY A 138 18.90 0.55 5.79
N GLY A 139 19.40 0.48 4.56
CA GLY A 139 20.73 -0.05 4.35
C GLY A 139 20.73 -1.57 4.49
N GLY A 140 19.57 -2.17 4.29
CA GLY A 140 19.46 -3.62 4.40
C GLY A 140 20.12 -4.31 3.22
N TRP A 141 20.07 -5.64 3.21
CA TRP A 141 20.70 -6.40 2.13
C TRP A 141 20.19 -6.09 0.73
N LEU A 142 18.92 -5.74 0.58
CA LEU A 142 18.42 -5.45 -0.76
C LEU A 142 19.01 -4.16 -1.33
N ALA A 143 19.11 -3.12 -0.51
CA ALA A 143 19.69 -1.86 -0.98
C ALA A 143 21.14 -2.16 -1.32
N LYS A 144 21.75 -3.01 -0.51
CA LYS A 144 23.13 -3.42 -0.69
C LYS A 144 23.40 -4.08 -2.03
N LEU A 145 22.46 -4.86 -2.53
CA LEU A 145 22.69 -5.49 -3.82
C LEU A 145 22.19 -4.63 -4.97
N GLY A 146 21.94 -3.36 -4.67
CA GLY A 146 21.53 -2.41 -5.69
C GLY A 146 20.06 -2.26 -6.01
N ALA A 147 19.19 -2.86 -5.21
CA ALA A 147 17.76 -2.74 -5.45
C ALA A 147 17.31 -1.32 -5.11
N LEU A 148 16.27 -0.84 -5.81
CA LEU A 148 15.73 0.49 -5.60
C LEU A 148 14.22 0.47 -5.47
N ASP A 149 13.69 1.41 -4.72
CA ASP A 149 12.24 1.53 -4.54
C ASP A 149 12.06 2.97 -4.13
N PHE A 150 11.80 3.82 -5.11
CA PHE A 150 11.66 5.24 -4.84
C PHE A 150 10.65 5.59 -3.74
N ALA A 151 9.40 5.19 -3.92
CA ALA A 151 8.38 5.54 -2.94
C ALA A 151 7.67 4.38 -2.26
N GLY A 152 8.09 3.15 -2.52
CA GLY A 152 7.46 2.03 -1.84
C GLY A 152 6.73 1.02 -2.69
N GLY A 153 7.15 0.87 -3.94
CA GLY A 153 6.50 -0.11 -4.79
C GLY A 153 6.50 -1.45 -4.09
N MET A 154 7.58 -1.73 -3.37
CA MET A 154 7.70 -2.98 -2.63
C MET A 154 7.38 -2.83 -1.14
N VAL A 155 8.06 -1.89 -0.49
CA VAL A 155 7.84 -1.64 0.94
C VAL A 155 6.35 -1.47 1.30
N VAL A 156 5.59 -0.80 0.43
CA VAL A 156 4.18 -0.55 0.69
C VAL A 156 3.11 -1.31 -0.13
N HIS A 157 3.25 -1.30 -1.46
CA HIS A 157 2.27 -1.94 -2.31
C HIS A 157 2.37 -3.45 -2.42
N ILE A 158 3.56 -3.97 -2.67
CA ILE A 158 3.69 -5.42 -2.73
C ILE A 158 3.39 -6.04 -1.37
N SER A 159 3.90 -5.44 -0.31
CA SER A 159 3.69 -5.97 1.03
C SER A 159 2.21 -6.09 1.39
N SER A 160 1.47 -4.98 1.31
CA SER A 160 0.05 -4.99 1.65
C SER A 160 -0.77 -5.84 0.68
N GLY A 161 -0.41 -5.78 -0.61
CA GLY A 161 -1.14 -6.54 -1.61
C GLY A 161 -1.08 -8.04 -1.37
N PHE A 162 0.13 -8.56 -1.26
CA PHE A 162 0.29 -9.99 -1.01
C PHE A 162 -0.08 -10.40 0.40
N ALA A 163 0.15 -9.52 1.37
CA ALA A 163 -0.23 -9.83 2.74
C ALA A 163 -1.76 -9.93 2.75
N ALA A 164 -2.41 -9.05 1.98
CA ALA A 164 -3.87 -9.04 1.89
C ALA A 164 -4.38 -10.34 1.28
N LEU A 165 -3.64 -10.87 0.32
CA LEU A 165 -4.02 -12.11 -0.33
C LEU A 165 -3.94 -13.26 0.68
N ALA A 166 -2.84 -13.30 1.42
CA ALA A 166 -2.64 -14.34 2.43
C ALA A 166 -3.75 -14.26 3.48
N VAL A 167 -4.04 -13.06 3.94
CA VAL A 167 -5.07 -12.86 4.95
C VAL A 167 -6.45 -13.30 4.49
N ALA A 168 -6.80 -12.95 3.26
CA ALA A 168 -8.12 -13.30 2.71
C ALA A 168 -8.30 -14.80 2.66
N MET A 169 -7.28 -15.50 2.21
CA MET A 169 -7.34 -16.96 2.11
C MET A 169 -7.47 -17.59 3.49
N THR A 170 -6.80 -16.99 4.48
CA THR A 170 -6.85 -17.51 5.82
C THR A 170 -8.19 -17.22 6.51
N ILE A 171 -8.74 -16.04 6.29
CA ILE A 171 -10.01 -15.69 6.94
C ILE A 171 -11.25 -16.26 6.25
N GLY A 172 -11.13 -16.56 4.96
CA GLY A 172 -12.26 -17.13 4.25
C GLY A 172 -13.23 -16.14 3.63
N LYS A 173 -14.03 -16.62 2.68
CA LYS A 173 -15.00 -15.80 1.98
C LYS A 173 -16.11 -15.29 2.88
N ARG A 174 -16.64 -14.12 2.55
CA ARG A 174 -17.73 -13.55 3.31
C ARG A 174 -18.93 -14.43 3.05
N ALA A 175 -19.84 -14.49 4.01
CA ALA A 175 -21.04 -15.28 3.84
C ALA A 175 -21.74 -14.76 2.59
N GLY A 176 -22.22 -15.67 1.75
CA GLY A 176 -22.93 -15.27 0.53
C GLY A 176 -22.07 -14.66 -0.56
N PHE A 177 -20.77 -14.53 -0.30
CA PHE A 177 -19.84 -13.97 -1.28
C PHE A 177 -20.05 -14.58 -2.66
N GLU A 178 -20.09 -15.91 -2.72
CA GLU A 178 -20.27 -16.62 -3.99
C GLU A 178 -21.65 -16.52 -4.64
N GLU A 179 -22.70 -16.62 -3.83
CA GLU A 179 -24.06 -16.56 -4.36
C GLU A 179 -24.39 -15.25 -5.06
N TYR A 180 -24.60 -14.19 -4.27
CA TYR A 180 -24.95 -12.90 -4.81
C TYR A 180 -23.83 -11.87 -4.62
N SER A 181 -23.75 -10.93 -5.55
CA SER A 181 -22.73 -9.89 -5.50
C SER A 181 -23.02 -8.92 -4.35
N ILE A 182 -21.97 -8.42 -3.71
CA ILE A 182 -22.11 -7.48 -2.61
C ILE A 182 -22.06 -6.07 -3.19
N GLU A 183 -23.16 -5.34 -3.11
CA GLU A 183 -23.18 -3.98 -3.66
C GLU A 183 -22.60 -2.89 -2.74
N PRO A 184 -21.92 -1.90 -3.31
CA PRO A 184 -21.36 -0.84 -2.47
C PRO A 184 -22.49 0.03 -1.94
N HIS A 185 -22.49 0.36 -0.65
CA HIS A 185 -23.56 1.17 -0.12
C HIS A 185 -23.45 2.65 -0.52
N SER A 186 -22.22 3.14 -0.76
CA SER A 186 -22.08 4.55 -1.13
C SER A 186 -20.90 4.78 -2.04
N ILE A 187 -21.15 4.77 -3.35
CA ILE A 187 -20.07 5.01 -4.27
C ILE A 187 -19.48 6.39 -4.05
N PRO A 188 -20.33 7.40 -3.77
CA PRO A 188 -19.80 8.75 -3.53
C PRO A 188 -18.81 8.77 -2.37
N LEU A 189 -19.06 7.97 -1.33
CA LEU A 189 -18.15 7.92 -0.20
C LEU A 189 -16.81 7.40 -0.70
N THR A 190 -16.87 6.36 -1.53
CA THR A 190 -15.66 5.79 -2.10
C THR A 190 -14.92 6.83 -2.96
N LEU A 191 -15.66 7.60 -3.75
CA LEU A 191 -15.04 8.63 -4.61
C LEU A 191 -14.34 9.75 -3.83
N ILE A 192 -14.85 10.04 -2.63
CA ILE A 192 -14.23 11.02 -1.74
C ILE A 192 -12.91 10.40 -1.27
N GLY A 193 -12.94 9.12 -0.93
CA GLY A 193 -11.72 8.45 -0.51
C GLY A 193 -10.71 8.54 -1.64
N ALA A 194 -11.15 8.23 -2.87
CA ALA A 194 -10.29 8.24 -4.04
C ALA A 194 -9.65 9.62 -4.30
N ALA A 195 -10.42 10.69 -4.11
CA ALA A 195 -9.88 12.03 -4.32
C ALA A 195 -8.82 12.32 -3.27
N LEU A 196 -9.05 11.86 -2.03
CA LEU A 196 -8.07 12.08 -0.95
C LEU A 196 -6.77 11.29 -1.16
N LEU A 197 -6.90 10.14 -1.80
CA LEU A 197 -5.75 9.29 -2.07
C LEU A 197 -4.94 9.88 -3.22
N TRP A 198 -5.61 10.37 -4.26
CA TRP A 198 -4.88 10.95 -5.38
C TRP A 198 -4.14 12.19 -4.87
N PHE A 199 -4.87 13.05 -4.18
CA PHE A 199 -4.30 14.27 -3.62
C PHE A 199 -3.13 13.93 -2.68
N GLY A 200 -3.34 13.00 -1.76
CA GLY A 200 -2.28 12.64 -0.81
C GLY A 200 -1.04 12.05 -1.45
N TRP A 201 -1.22 11.40 -2.60
CA TRP A 201 -0.10 10.77 -3.29
C TRP A 201 0.93 11.80 -3.78
N PHE A 202 0.58 13.08 -3.72
CA PHE A 202 1.50 14.15 -4.12
C PHE A 202 2.61 14.17 -3.07
N GLY A 203 2.22 13.99 -1.81
CA GLY A 203 3.19 13.97 -0.73
C GLY A 203 3.91 12.64 -0.68
N PHE A 204 3.18 11.57 -1.03
CA PHE A 204 3.69 10.21 -1.02
C PHE A 204 4.87 9.98 -1.97
N ASN A 205 4.67 10.28 -3.25
CA ASN A 205 5.71 10.13 -4.27
C ASN A 205 6.58 11.38 -4.34
N GLY A 206 5.94 12.55 -4.33
CA GLY A 206 6.68 13.80 -4.41
C GLY A 206 7.55 14.09 -3.19
N GLY A 207 7.11 13.62 -2.04
CA GLY A 207 7.87 13.84 -0.83
C GLY A 207 9.04 12.89 -0.70
N SER A 208 8.98 11.76 -1.40
CA SER A 208 10.03 10.74 -1.35
C SER A 208 11.43 11.15 -1.85
N ALA A 209 11.55 12.35 -2.42
CA ALA A 209 12.85 12.85 -2.88
C ALA A 209 13.53 13.48 -1.67
N LEU A 210 12.76 13.62 -0.61
CA LEU A 210 13.20 14.21 0.65
C LEU A 210 13.68 15.66 0.53
N ALA A 211 13.27 16.32 -0.54
CA ALA A 211 13.65 17.71 -0.77
C ALA A 211 12.77 18.28 -1.87
N ALA A 212 12.65 19.60 -1.91
CA ALA A 212 11.87 20.28 -2.92
C ALA A 212 12.84 20.57 -4.06
N ASN A 213 13.11 19.55 -4.87
CA ASN A 213 14.05 19.66 -5.99
C ASN A 213 13.51 19.09 -7.31
N ASP A 214 14.40 18.94 -8.31
CA ASP A 214 13.99 18.42 -9.62
C ASP A 214 13.45 16.97 -9.58
N VAL A 215 13.96 16.16 -8.66
CA VAL A 215 13.48 14.77 -8.55
C VAL A 215 12.02 14.73 -8.07
N ALA A 216 11.69 15.54 -7.08
CA ALA A 216 10.32 15.58 -6.56
C ALA A 216 9.38 16.07 -7.68
N ILE A 217 9.82 17.08 -8.42
CA ILE A 217 9.02 17.61 -9.52
C ILE A 217 8.78 16.50 -10.53
N ASN A 218 9.83 15.73 -10.83
CA ASN A 218 9.69 14.65 -11.77
C ASN A 218 8.71 13.62 -11.22
N ALA A 219 8.89 13.24 -9.97
CA ALA A 219 8.03 12.25 -9.33
C ALA A 219 6.59 12.70 -9.41
N VAL A 220 6.36 14.00 -9.20
CA VAL A 220 5.00 14.52 -9.26
C VAL A 220 4.44 14.45 -10.69
N VAL A 221 5.28 14.74 -11.67
CA VAL A 221 4.84 14.69 -13.05
C VAL A 221 4.47 13.26 -13.46
N VAL A 222 5.41 12.34 -13.27
CA VAL A 222 5.20 10.95 -13.64
C VAL A 222 4.09 10.27 -12.85
N THR A 223 3.91 10.66 -11.60
CA THR A 223 2.88 10.06 -10.78
C THR A 223 1.51 10.36 -11.38
N ASN A 224 1.28 11.63 -11.71
CA ASN A 224 0.02 12.03 -12.30
C ASN A 224 -0.16 11.39 -13.67
N THR A 225 0.94 11.20 -14.38
CA THR A 225 0.90 10.60 -15.71
C THR A 225 0.43 9.14 -15.65
N SER A 226 1.13 8.31 -14.89
CA SER A 226 0.76 6.89 -14.78
C SER A 226 -0.69 6.71 -14.29
N ALA A 227 -1.11 7.55 -13.35
CA ALA A 227 -2.47 7.46 -12.82
C ALA A 227 -3.49 7.68 -13.95
N ALA A 228 -3.25 8.72 -14.75
CA ALA A 228 -4.14 9.08 -15.84
C ALA A 228 -4.21 7.99 -16.90
N VAL A 229 -3.06 7.42 -17.23
CA VAL A 229 -3.01 6.36 -18.23
C VAL A 229 -3.76 5.12 -17.76
N ALA A 230 -3.39 4.63 -16.57
CA ALA A 230 -4.03 3.44 -15.97
C ALA A 230 -5.53 3.63 -15.78
N GLY A 231 -5.94 4.85 -15.48
CA GLY A 231 -7.36 5.15 -15.29
C GLY A 231 -8.06 5.14 -16.62
N PHE A 232 -7.38 5.67 -17.63
CA PHE A 232 -7.93 5.72 -18.98
C PHE A 232 -8.13 4.27 -19.45
N VAL A 233 -7.13 3.43 -19.21
CA VAL A 233 -7.18 2.03 -19.58
C VAL A 233 -8.41 1.36 -18.98
N TRP A 234 -8.58 1.44 -17.66
CA TRP A 234 -9.75 0.80 -17.05
C TRP A 234 -11.05 1.36 -17.62
N MET A 235 -11.02 2.63 -18.02
CA MET A 235 -12.20 3.25 -18.59
C MET A 235 -12.57 2.57 -19.91
N VAL A 236 -11.54 2.34 -20.73
CA VAL A 236 -11.73 1.69 -22.02
C VAL A 236 -12.21 0.25 -21.83
N ILE A 237 -11.60 -0.45 -20.88
CA ILE A 237 -12.01 -1.81 -20.59
C ILE A 237 -13.47 -1.79 -20.17
N GLY A 238 -13.84 -0.77 -19.41
CA GLY A 238 -15.21 -0.63 -18.96
C GLY A 238 -16.17 -0.52 -20.13
N TRP A 239 -15.80 0.29 -21.11
CA TRP A 239 -16.64 0.46 -22.28
C TRP A 239 -16.67 -0.84 -23.06
N ILE A 240 -15.50 -1.45 -23.23
CA ILE A 240 -15.40 -2.71 -23.94
C ILE A 240 -16.31 -3.74 -23.32
N LYS A 241 -16.43 -3.72 -22.00
CA LYS A 241 -17.26 -4.67 -21.29
C LYS A 241 -18.65 -4.16 -20.95
N GLY A 242 -18.96 -2.95 -21.37
CA GLY A 242 -20.27 -2.41 -21.09
C GLY A 242 -20.20 -0.91 -20.90
N LYS A 243 -20.37 -0.49 -19.65
CA LYS A 243 -20.32 0.91 -19.28
C LYS A 243 -19.17 1.13 -18.32
N PRO A 244 -18.48 2.26 -18.46
CA PRO A 244 -17.36 2.57 -17.58
C PRO A 244 -17.83 3.08 -16.21
N GLY A 245 -17.94 2.16 -15.26
CA GLY A 245 -18.36 2.57 -13.93
C GLY A 245 -17.26 3.38 -13.28
N SER A 246 -17.65 4.34 -12.43
CA SER A 246 -16.69 5.19 -11.71
C SER A 246 -15.68 4.38 -10.89
N LEU A 247 -16.10 3.24 -10.35
CA LEU A 247 -15.22 2.39 -9.54
C LEU A 247 -14.04 1.87 -10.35
N GLY A 248 -14.31 1.38 -11.56
CA GLY A 248 -13.23 0.89 -12.40
C GLY A 248 -12.24 2.00 -12.71
N ILE A 249 -12.78 3.19 -13.02
CA ILE A 249 -11.96 4.34 -13.35
C ILE A 249 -10.94 4.68 -12.26
N VAL A 250 -11.43 4.94 -11.05
CA VAL A 250 -10.56 5.28 -9.94
C VAL A 250 -9.68 4.08 -9.55
N SER A 251 -10.20 2.86 -9.70
CA SER A 251 -9.41 1.67 -9.40
C SER A 251 -8.25 1.60 -10.38
N GLY A 252 -8.50 2.03 -11.61
CA GLY A 252 -7.46 2.02 -12.61
C GLY A 252 -6.43 3.07 -12.28
N ALA A 253 -6.91 4.25 -11.88
CA ALA A 253 -6.01 5.33 -11.54
C ALA A 253 -5.09 4.92 -10.39
N ILE A 254 -5.65 4.19 -9.43
CA ILE A 254 -4.87 3.73 -8.29
C ILE A 254 -3.85 2.66 -8.70
N ALA A 255 -4.16 1.88 -9.73
CA ALA A 255 -3.22 0.87 -10.21
C ALA A 255 -2.00 1.62 -10.75
N GLY A 256 -2.26 2.69 -11.49
CA GLY A 256 -1.18 3.48 -12.05
C GLY A 256 -0.36 4.16 -10.98
N LEU A 257 -1.02 4.63 -9.92
CA LEU A 257 -0.31 5.31 -8.84
C LEU A 257 0.60 4.33 -8.09
N ALA A 258 0.11 3.13 -7.83
CA ALA A 258 0.89 2.12 -7.13
C ALA A 258 2.06 1.67 -8.00
N ALA A 259 1.81 1.47 -9.29
CA ALA A 259 2.86 1.02 -10.20
C ALA A 259 3.98 2.05 -10.35
N ILE A 260 3.62 3.32 -10.37
CA ILE A 260 4.60 4.39 -10.53
C ILE A 260 5.40 4.71 -9.26
N THR A 261 4.85 4.37 -8.09
CA THR A 261 5.48 4.63 -6.79
C THR A 261 6.95 4.18 -6.65
N PRO A 262 7.25 2.94 -7.02
CA PRO A 262 8.65 2.46 -6.91
C PRO A 262 9.58 3.15 -7.89
N ALA A 263 9.00 3.72 -8.96
CA ALA A 263 9.81 4.38 -9.98
C ALA A 263 9.66 5.89 -10.15
N ALA A 264 8.73 6.51 -9.43
CA ALA A 264 8.48 7.95 -9.57
C ALA A 264 9.70 8.87 -9.71
N GLY A 265 10.82 8.54 -9.07
CA GLY A 265 11.98 9.40 -9.18
C GLY A 265 13.07 8.95 -10.13
N PHE A 266 12.80 7.93 -10.93
CA PHE A 266 13.84 7.42 -11.84
C PHE A 266 13.52 7.44 -13.33
N VAL A 267 12.23 7.48 -13.68
CA VAL A 267 11.81 7.46 -15.08
C VAL A 267 11.31 8.78 -15.66
N ASP A 268 11.24 8.83 -16.98
CA ASP A 268 10.76 10.01 -17.71
C ASP A 268 9.28 9.84 -18.04
N VAL A 269 8.66 10.87 -18.61
CA VAL A 269 7.25 10.84 -18.96
C VAL A 269 6.89 9.69 -19.91
N LYS A 270 7.78 9.35 -20.84
CA LYS A 270 7.52 8.25 -21.75
C LYS A 270 7.50 6.94 -20.96
N GLY A 271 8.42 6.82 -20.00
CA GLY A 271 8.46 5.63 -19.17
C GLY A 271 7.20 5.53 -18.32
N ALA A 272 6.74 6.68 -17.81
CA ALA A 272 5.54 6.74 -16.97
C ALA A 272 4.33 6.27 -17.75
N ILE A 273 4.31 6.59 -19.04
CA ILE A 273 3.21 6.18 -19.91
C ILE A 273 3.16 4.65 -20.06
N VAL A 274 4.30 4.02 -20.33
CA VAL A 274 4.36 2.57 -20.47
C VAL A 274 3.93 1.88 -19.18
N ILE A 275 4.45 2.35 -18.05
CA ILE A 275 4.14 1.82 -16.74
C ILE A 275 2.64 1.91 -16.46
N GLY A 276 2.05 3.07 -16.71
CA GLY A 276 0.62 3.23 -16.48
C GLY A 276 -0.19 2.32 -17.40
N LEU A 277 0.17 2.33 -18.68
CA LEU A 277 -0.52 1.50 -19.66
C LEU A 277 -0.48 0.04 -19.22
N VAL A 278 0.71 -0.50 -19.02
CA VAL A 278 0.84 -1.89 -18.60
C VAL A 278 0.13 -2.17 -17.26
N ALA A 279 0.29 -1.26 -16.31
CA ALA A 279 -0.32 -1.39 -14.99
C ALA A 279 -1.83 -1.57 -15.10
N GLY A 280 -2.46 -0.70 -15.89
CA GLY A 280 -3.89 -0.78 -16.07
C GLY A 280 -4.29 -2.17 -16.55
N ILE A 281 -3.56 -2.68 -17.53
CA ILE A 281 -3.85 -3.99 -18.08
C ILE A 281 -3.64 -5.14 -17.11
N VAL A 282 -2.40 -5.31 -16.63
CA VAL A 282 -2.11 -6.41 -15.71
C VAL A 282 -2.93 -6.38 -14.42
N CYS A 283 -3.21 -5.20 -13.90
CA CYS A 283 -3.99 -5.12 -12.67
C CYS A 283 -5.42 -5.53 -12.95
N TYR A 284 -5.97 -5.14 -14.09
CA TYR A 284 -7.34 -5.54 -14.39
C TYR A 284 -7.39 -7.08 -14.53
N LEU A 285 -6.39 -7.65 -15.18
CA LEU A 285 -6.31 -9.10 -15.36
C LEU A 285 -6.24 -9.83 -14.03
N ALA A 286 -5.47 -9.27 -13.11
CA ALA A 286 -5.31 -9.86 -11.78
C ALA A 286 -6.62 -9.86 -11.03
N MET A 287 -7.42 -8.80 -11.23
CA MET A 287 -8.72 -8.70 -10.57
C MET A 287 -9.64 -9.81 -11.06
N ASP A 288 -9.78 -9.93 -12.38
CA ASP A 288 -10.62 -10.97 -12.96
C ASP A 288 -10.16 -12.37 -12.60
N PHE A 289 -8.84 -12.52 -12.49
CA PHE A 289 -8.29 -13.82 -12.14
C PHE A 289 -8.61 -14.22 -10.69
N ARG A 290 -8.45 -13.28 -9.75
CA ARG A 290 -8.74 -13.61 -8.36
C ARG A 290 -10.24 -13.79 -8.22
N ILE A 291 -11.00 -13.12 -9.07
CA ILE A 291 -12.45 -13.25 -9.06
C ILE A 291 -12.78 -14.65 -9.60
N LYS A 292 -12.08 -15.06 -10.66
CA LYS A 292 -12.29 -16.38 -11.25
C LYS A 292 -11.95 -17.48 -10.25
N LYS A 293 -10.89 -17.28 -9.49
CA LYS A 293 -10.46 -18.27 -8.51
C LYS A 293 -11.27 -18.24 -7.21
N LYS A 294 -12.30 -17.40 -7.19
CA LYS A 294 -13.19 -17.28 -6.03
C LYS A 294 -12.55 -16.90 -4.69
N ILE A 295 -11.50 -16.10 -4.73
CA ILE A 295 -10.82 -15.66 -3.50
C ILE A 295 -11.44 -14.34 -3.05
N ASP A 296 -11.98 -14.31 -1.83
CA ASP A 296 -12.61 -13.09 -1.33
C ASP A 296 -11.60 -12.10 -0.74
N GLU A 297 -10.66 -11.68 -1.58
CA GLU A 297 -9.66 -10.68 -1.20
C GLU A 297 -10.45 -9.44 -1.58
N SER A 298 -11.54 -9.29 -0.84
CA SER A 298 -12.54 -8.27 -0.97
C SER A 298 -12.34 -7.00 -1.81
N LEU A 299 -11.52 -6.08 -1.34
CA LEU A 299 -11.39 -4.84 -2.08
C LEU A 299 -10.20 -4.71 -3.01
N ASP A 300 -9.68 -5.85 -3.45
CA ASP A 300 -8.58 -5.89 -4.40
C ASP A 300 -7.28 -5.16 -4.06
N ALA A 301 -6.85 -5.26 -2.80
CA ALA A 301 -5.59 -4.67 -2.38
C ALA A 301 -4.50 -5.41 -3.14
N TRP A 302 -4.75 -6.70 -3.36
CA TRP A 302 -3.79 -7.54 -4.06
C TRP A 302 -3.71 -7.22 -5.55
N ALA A 303 -4.83 -7.31 -6.26
CA ALA A 303 -4.84 -7.05 -7.70
C ALA A 303 -4.27 -5.68 -8.04
N ILE A 304 -4.67 -4.69 -7.25
CA ILE A 304 -4.25 -3.31 -7.46
C ILE A 304 -2.87 -2.98 -6.92
N HIS A 305 -2.70 -3.12 -5.61
CA HIS A 305 -1.44 -2.81 -4.97
C HIS A 305 -0.37 -3.87 -5.15
N GLY A 306 -0.74 -5.11 -4.86
CA GLY A 306 0.21 -6.19 -5.01
C GLY A 306 0.76 -6.22 -6.41
N ILE A 307 -0.10 -6.52 -7.38
CA ILE A 307 0.32 -6.60 -8.79
C ILE A 307 0.82 -5.27 -9.38
N GLY A 308 0.22 -4.16 -8.98
CA GLY A 308 0.66 -2.87 -9.50
C GLY A 308 2.05 -2.57 -8.98
N GLY A 309 2.27 -2.85 -7.70
CA GLY A 309 3.57 -2.60 -7.10
C GLY A 309 4.64 -3.53 -7.63
N LEU A 310 4.24 -4.75 -7.93
CA LEU A 310 5.17 -5.75 -8.46
C LEU A 310 5.66 -5.28 -9.84
N TRP A 311 4.71 -4.94 -10.71
CA TRP A 311 5.04 -4.46 -12.03
C TRP A 311 5.94 -3.24 -11.98
N GLY A 312 5.48 -2.20 -11.31
CA GLY A 312 6.26 -0.98 -11.23
C GLY A 312 7.67 -1.18 -10.69
N SER A 313 7.80 -2.07 -9.71
CA SER A 313 9.10 -2.33 -9.12
C SER A 313 10.02 -2.97 -10.15
N VAL A 314 9.46 -3.82 -11.00
CA VAL A 314 10.27 -4.46 -12.03
C VAL A 314 10.57 -3.46 -13.13
N ALA A 315 9.55 -2.68 -13.49
CA ALA A 315 9.69 -1.67 -14.54
C ALA A 315 10.83 -0.70 -14.23
N VAL A 316 11.13 -0.50 -12.94
CA VAL A 316 12.21 0.39 -12.57
C VAL A 316 13.49 -0.12 -13.23
N GLY A 317 13.67 -1.44 -13.21
CA GLY A 317 14.87 -2.05 -13.78
C GLY A 317 14.97 -2.03 -15.30
N ILE A 318 13.87 -1.72 -15.97
CA ILE A 318 13.80 -1.68 -17.42
C ILE A 318 13.88 -0.26 -17.98
N LEU A 319 13.20 0.67 -17.30
CA LEU A 319 13.09 2.04 -17.76
C LEU A 319 13.79 3.16 -17.01
N ALA A 320 14.53 2.84 -15.94
CA ALA A 320 15.22 3.90 -15.21
C ALA A 320 16.04 4.69 -16.24
N ASN A 321 15.89 6.01 -16.21
CA ASN A 321 16.59 6.88 -17.13
C ASN A 321 17.66 7.65 -16.38
N PRO A 322 18.94 7.43 -16.72
CA PRO A 322 20.05 8.12 -16.06
C PRO A 322 19.98 9.64 -16.20
N GLU A 323 19.38 10.11 -17.28
CA GLU A 323 19.26 11.54 -17.48
C GLU A 323 18.30 12.10 -16.43
N VAL A 324 17.42 11.24 -15.92
CA VAL A 324 16.46 11.68 -14.93
C VAL A 324 17.06 11.71 -13.53
N ASN A 325 17.60 10.58 -13.08
CA ASN A 325 18.17 10.54 -11.75
C ASN A 325 19.41 9.67 -11.67
N GLY A 326 20.25 9.73 -12.70
CA GLY A 326 21.48 8.96 -12.69
C GLY A 326 21.34 7.48 -12.95
N TYR A 327 20.41 6.82 -12.26
CA TYR A 327 20.22 5.38 -12.45
C TYR A 327 19.70 5.05 -13.85
N ALA A 328 20.12 3.91 -14.38
CA ALA A 328 19.71 3.48 -15.73
C ALA A 328 19.25 2.04 -15.76
N GLY A 329 18.18 1.78 -16.51
CA GLY A 329 17.64 0.44 -16.61
C GLY A 329 18.11 -0.31 -17.84
N LEU A 330 17.51 -1.47 -18.09
CA LEU A 330 17.88 -2.30 -19.24
C LEU A 330 17.82 -1.55 -20.56
N LEU A 331 16.74 -0.82 -20.79
CA LEU A 331 16.60 -0.09 -22.04
C LEU A 331 17.59 1.06 -22.16
N PHE A 332 18.26 1.39 -21.06
CA PHE A 332 19.25 2.46 -21.11
C PHE A 332 20.65 1.87 -20.92
N GLY A 333 20.79 0.64 -21.40
CA GLY A 333 22.06 -0.07 -21.36
C GLY A 333 22.53 -0.76 -20.09
N ASN A 334 21.68 -0.85 -19.08
CA ASN A 334 22.13 -1.48 -17.84
C ASN A 334 21.31 -2.70 -17.42
N PRO A 335 21.79 -3.91 -17.77
CA PRO A 335 21.10 -5.15 -17.43
C PRO A 335 21.11 -5.40 -15.92
N GLN A 336 22.18 -4.98 -15.27
CA GLN A 336 22.35 -5.19 -13.84
C GLN A 336 21.20 -4.70 -12.97
N LEU A 337 20.70 -3.50 -13.25
CA LEU A 337 19.60 -2.96 -12.45
C LEU A 337 18.37 -3.86 -12.52
N LEU A 338 18.12 -4.44 -13.68
CA LEU A 338 16.96 -5.31 -13.83
C LEU A 338 17.05 -6.52 -12.91
N VAL A 339 18.25 -7.10 -12.81
CA VAL A 339 18.46 -8.27 -11.95
C VAL A 339 18.25 -7.93 -10.48
N SER A 340 18.66 -6.72 -10.09
CA SER A 340 18.50 -6.29 -8.72
C SER A 340 17.01 -6.18 -8.36
N GLN A 341 16.22 -5.65 -9.30
CA GLN A 341 14.79 -5.49 -9.09
C GLN A 341 14.09 -6.84 -9.02
N LEU A 342 14.45 -7.77 -9.91
CA LEU A 342 13.83 -9.09 -9.93
C LEU A 342 14.08 -9.84 -8.62
N ILE A 343 15.31 -9.76 -8.13
CA ILE A 343 15.66 -10.40 -6.88
C ILE A 343 14.87 -9.75 -5.75
N ALA A 344 14.81 -8.43 -5.77
CA ALA A 344 14.09 -7.69 -4.74
C ALA A 344 12.60 -8.01 -4.77
N VAL A 345 12.05 -8.10 -5.97
CA VAL A 345 10.62 -8.40 -6.14
C VAL A 345 10.30 -9.84 -5.78
N ALA A 346 11.19 -10.76 -6.16
CA ALA A 346 10.97 -12.17 -5.85
C ALA A 346 10.98 -12.37 -4.33
N SER A 347 11.96 -11.76 -3.67
CA SER A 347 12.11 -11.86 -2.22
C SER A 347 10.93 -11.26 -1.43
N THR A 348 10.60 -10.00 -1.72
CA THR A 348 9.52 -9.32 -1.00
C THR A 348 8.14 -9.90 -1.29
N THR A 349 7.94 -10.40 -2.51
CA THR A 349 6.67 -11.00 -2.85
C THR A 349 6.46 -12.32 -2.10
N ALA A 350 7.49 -13.16 -2.09
CA ALA A 350 7.41 -14.45 -1.42
C ALA A 350 7.30 -14.32 0.09
N TYR A 351 8.11 -13.43 0.65
CA TYR A 351 8.12 -13.19 2.10
C TYR A 351 6.80 -12.61 2.60
N ALA A 352 6.30 -11.57 1.92
CA ALA A 352 5.05 -10.94 2.31
C ALA A 352 3.92 -11.96 2.37
N PHE A 353 3.79 -12.73 1.30
CA PHE A 353 2.74 -13.73 1.25
C PHE A 353 2.93 -14.86 2.26
N LEU A 354 4.10 -15.51 2.23
CA LEU A 354 4.36 -16.63 3.12
C LEU A 354 4.35 -16.34 4.62
N VAL A 355 5.02 -15.25 5.02
CA VAL A 355 5.08 -14.87 6.43
C VAL A 355 3.73 -14.36 6.92
N THR A 356 3.02 -13.61 6.09
CA THR A 356 1.70 -13.10 6.49
C THR A 356 0.81 -14.31 6.74
N LEU A 357 0.94 -15.30 5.87
CA LEU A 357 0.16 -16.51 5.97
C LEU A 357 0.41 -17.21 7.31
N ILE A 358 1.66 -17.21 7.74
CA ILE A 358 2.04 -17.83 9.01
C ILE A 358 1.42 -17.03 10.14
N LEU A 359 1.54 -15.71 10.05
CA LEU A 359 1.02 -14.83 11.07
C LEU A 359 -0.50 -14.90 11.17
N ALA A 360 -1.16 -14.89 10.02
CA ALA A 360 -2.63 -14.95 9.99
C ALA A 360 -3.13 -16.23 10.65
N LYS A 361 -2.51 -17.36 10.31
CA LYS A 361 -2.94 -18.63 10.88
C LYS A 361 -2.60 -18.70 12.36
N ALA A 362 -1.42 -18.20 12.73
CA ALA A 362 -1.02 -18.21 14.14
C ALA A 362 -2.09 -17.51 14.97
N VAL A 363 -2.39 -16.26 14.62
CA VAL A 363 -3.40 -15.48 15.35
C VAL A 363 -4.76 -16.17 15.31
N ASP A 364 -5.12 -16.69 14.15
CA ASP A 364 -6.40 -17.35 14.02
C ASP A 364 -6.46 -18.47 15.07
N ALA A 365 -5.39 -19.25 15.15
CA ALA A 365 -5.33 -20.36 16.09
C ALA A 365 -5.26 -19.85 17.54
N ALA A 366 -4.66 -18.68 17.72
CA ALA A 366 -4.50 -18.10 19.04
C ALA A 366 -5.77 -17.46 19.57
N VAL A 367 -6.37 -16.58 18.78
CA VAL A 367 -7.57 -15.90 19.24
C VAL A 367 -8.74 -15.96 18.26
N GLY A 368 -8.47 -16.31 17.00
CA GLY A 368 -9.54 -16.35 16.01
C GLY A 368 -9.65 -15.01 15.29
N LEU A 369 -9.57 -15.04 13.97
CA LEU A 369 -9.64 -13.83 13.16
C LEU A 369 -11.05 -13.35 12.88
N ARG A 370 -11.90 -14.26 12.43
CA ARG A 370 -13.25 -13.94 12.03
C ARG A 370 -14.33 -13.81 13.12
N VAL A 371 -15.29 -12.90 12.89
CA VAL A 371 -16.40 -12.68 13.81
C VAL A 371 -17.35 -13.84 13.63
N SER A 372 -18.33 -13.97 14.54
CA SER A 372 -19.31 -15.04 14.46
C SER A 372 -20.24 -14.80 13.29
N SER A 373 -20.95 -15.84 12.86
CA SER A 373 -21.85 -15.68 11.72
C SER A 373 -22.91 -14.61 11.95
N GLN A 374 -23.49 -14.60 13.15
CA GLN A 374 -24.54 -13.65 13.45
C GLN A 374 -24.04 -12.21 13.45
N GLU A 375 -22.79 -12.00 13.87
CA GLU A 375 -22.24 -10.66 13.87
C GLU A 375 -22.06 -10.25 12.43
N GLU A 376 -21.56 -11.19 11.63
CA GLU A 376 -21.35 -10.92 10.22
C GLU A 376 -22.69 -10.59 9.62
N TYR A 377 -23.73 -11.26 10.12
CA TYR A 377 -25.08 -11.05 9.62
C TYR A 377 -25.64 -9.67 10.01
N VAL A 378 -25.52 -9.29 11.29
CA VAL A 378 -26.05 -8.00 11.70
C VAL A 378 -25.13 -6.86 11.30
N GLY A 379 -23.87 -7.18 11.03
CA GLY A 379 -22.92 -6.16 10.65
C GLY A 379 -21.97 -5.84 11.79
N LEU A 380 -20.74 -5.52 11.41
CA LEU A 380 -19.71 -5.21 12.39
C LEU A 380 -19.86 -3.83 13.03
N ASP A 381 -20.66 -2.96 12.42
CA ASP A 381 -20.86 -1.65 13.03
C ASP A 381 -21.50 -1.86 14.40
N LEU A 382 -22.59 -2.63 14.41
CA LEU A 382 -23.31 -2.94 15.64
C LEU A 382 -22.53 -3.88 16.53
N SER A 383 -22.13 -5.01 15.95
CA SER A 383 -21.43 -6.05 16.70
C SER A 383 -20.02 -5.71 17.20
N GLN A 384 -19.24 -4.98 16.41
CA GLN A 384 -17.89 -4.64 16.84
C GLN A 384 -17.73 -3.21 17.37
N HIS A 385 -18.67 -2.33 17.05
CA HIS A 385 -18.57 -0.94 17.51
C HIS A 385 -19.83 -0.48 18.23
N GLU A 386 -20.87 -1.30 18.19
CA GLU A 386 -22.14 -0.94 18.79
C GLU A 386 -22.59 0.43 18.28
N GLU A 387 -22.40 0.64 16.98
CA GLU A 387 -22.83 1.88 16.35
C GLU A 387 -23.64 1.58 15.10
N VAL A 388 -24.32 2.58 14.58
CA VAL A 388 -25.10 2.46 13.36
C VAL A 388 -24.64 3.62 12.47
N ALA A 389 -24.16 3.29 11.28
CA ALA A 389 -23.65 4.29 10.35
C ALA A 389 -24.60 5.43 10.05
N TYR A 390 -25.82 5.12 9.61
CA TYR A 390 -26.76 6.17 9.28
C TYR A 390 -28.17 5.98 9.84
N THR A 391 -28.81 7.11 10.05
CA THR A 391 -30.17 7.17 10.51
C THR A 391 -30.85 8.21 9.63
#